data_5UC6
#
_entry.id   5UC6
#
_cell.length_a   74.790
_cell.length_b   74.790
_cell.length_c   86.360
_cell.angle_alpha   90.00
_cell.angle_beta   90.00
_cell.angle_gamma   120.00
#
_symmetry.space_group_name_H-M   'P 31 2 1'
#
loop_
_entity.id
_entity.type
_entity.pdbx_description
1 polymer 'Interleukin-1 alpha'
2 polymer "DNA (5'-D(*CP*G)-R(P*(85Y))-D(P*GP*AP*G)-R(P*(85Y)P*(85Y))-D(P*A)-R(P*(85Y))-D(P*GP*GP*G)-R(P*(85Y)P*(85Y))-D(P*AP*GP*AP*G)-R(P*(85Y))-D(P*CP*GP*(ATD))-3')"
3 non-polymer 'MAGNESIUM ION'
4 non-polymer 'SODIUM ION'
5 non-polymer 'PHOSPHATE ION'
6 water water
#
loop_
_entity_poly.entity_id
_entity_poly.type
_entity_poly.pdbx_seq_one_letter_code
_entity_poly.pdbx_strand_id
1 'polypeptide(L)'
;SAPFSFLSNVKYNFMRIIKYEFILNDALNQSIIRANDQYLTAAALHNLDEAVKFDMGAYKSSKDDAKITVILRISKTQLY
VTAQDEDQPVLLKEMPEIPKTITGSETNLLFFWETHGTKNYFTSVAHPNLFIATKQDYWVCLAGGPPSITDFQILENQA
;
A
2 'polydeoxyribonucleotide'
;(DC)(DG)(85Y)(DG)(DA)(DG)(85Y)(85Y)(DA)(85Y)(DG)(DG)(DG)(85Y)(85Y)(DA)(DG)(DA)
(DG)(85Y)(DC)(DG)(ATD)
;
B
#
loop_
_chem_comp.id
_chem_comp.type
_chem_comp.name
_chem_comp.formula
85Y RNA linking '2'-deoxy-5-{[(naphthalen-2-yl)methyl]carbamoyl}uridine 5'-(dihydrogen phosphate)' 'C21 H22 N3 O9 P'
ATD DNA linking THYMIDINE-3'-PHOSPHATE 'C10 H15 N2 O8 P'
DA DNA linking 2'-DEOXYADENOSINE-5'-MONOPHOSPHATE 'C10 H14 N5 O6 P'
DC DNA linking 2'-DEOXYCYTIDINE-5'-MONOPHOSPHATE 'C9 H14 N3 O7 P'
DG DNA linking 2'-DEOXYGUANOSINE-5'-MONOPHOSPHATE 'C10 H14 N5 O7 P'
MG non-polymer 'MAGNESIUM ION' 'Mg 2'
NA non-polymer 'SODIUM ION' 'Na 1'
PO4 non-polymer 'PHOSPHATE ION' 'O4 P -3'
#
# COMPACT_ATOMS: atom_id res chain seq x y z
N ASN A 9 -4.39 5.56 -22.53
CA ASN A 9 -4.01 6.83 -21.93
C ASN A 9 -2.67 6.69 -21.18
N VAL A 10 -2.66 6.90 -19.87
CA VAL A 10 -1.41 6.74 -19.13
C VAL A 10 -1.14 5.25 -18.95
N LYS A 11 0.08 4.83 -19.23
CA LYS A 11 0.52 3.47 -19.01
C LYS A 11 1.63 3.46 -17.97
N TYR A 12 1.65 2.42 -17.15
CA TYR A 12 2.67 2.22 -16.14
C TYR A 12 3.47 0.96 -16.47
N ASN A 13 4.79 1.05 -16.39
CA ASN A 13 5.64 -0.10 -16.68
C ASN A 13 6.45 -0.46 -15.45
N PHE A 14 6.48 -1.74 -15.13
CA PHE A 14 7.23 -2.22 -13.98
C PHE A 14 8.74 -2.06 -14.18
N MET A 15 9.42 -1.50 -13.18
CA MET A 15 10.87 -1.43 -13.22
C MET A 15 11.47 -2.58 -12.41
N ARG A 16 11.43 -2.51 -11.08
CA ARG A 16 11.93 -3.58 -10.22
C ARG A 16 11.43 -3.35 -8.80
N ILE A 17 11.61 -4.38 -7.97
CA ILE A 17 11.36 -4.24 -6.54
C ILE A 17 12.44 -3.36 -5.95
N ILE A 18 12.05 -2.34 -5.21
CA ILE A 18 13.01 -1.42 -4.61
C ILE A 18 13.05 -1.51 -3.09
N LYS A 19 12.17 -2.31 -2.48
CA LYS A 19 12.17 -2.51 -1.03
C LYS A 19 11.60 -3.89 -0.74
N TYR A 20 12.33 -4.68 0.06
CA TYR A 20 11.93 -6.03 0.46
C TYR A 20 11.64 -6.08 1.96
N GLU A 21 10.53 -6.72 2.32
CA GLU A 21 10.25 -7.17 3.69
C GLU A 21 10.25 -6.02 4.69
N PHE A 22 9.42 -5.01 4.42
CA PHE A 22 9.29 -3.93 5.38
C PHE A 22 7.93 -3.98 6.06
N ILE A 23 7.83 -3.30 7.19
CA ILE A 23 6.61 -3.23 8.00
C ILE A 23 6.06 -1.82 7.89
N LEU A 24 4.72 -1.70 7.83
CA LEU A 24 4.06 -0.39 7.88
C LEU A 24 3.47 -0.18 9.27
N ASN A 25 3.91 0.87 9.96
CA ASN A 25 3.33 1.29 11.24
C ASN A 25 2.65 2.63 11.08
N ASP A 26 1.41 2.74 11.56
CA ASP A 26 0.73 4.01 11.42
C ASP A 26 1.23 4.97 12.50
N ALA A 27 0.71 6.20 12.50
CA ALA A 27 1.15 7.25 13.41
C ALA A 27 0.83 6.93 14.88
N LEU A 28 -0.03 5.95 15.13
CA LEU A 28 -0.37 5.51 16.49
C LEU A 28 0.39 4.26 16.92
N ASN A 29 1.53 3.98 16.28
CA ASN A 29 2.33 2.80 16.55
C ASN A 29 1.57 1.51 16.27
N GLN A 30 0.58 1.52 15.39
CA GLN A 30 -0.14 0.30 15.05
C GLN A 30 0.43 -0.28 13.77
N SER A 31 0.67 -1.58 13.77
CA SER A 31 1.20 -2.26 12.61
C SER A 31 0.06 -2.82 11.76
N ILE A 32 0.29 -2.85 10.45
CA ILE A 32 -0.63 -3.51 9.54
C ILE A 32 -0.47 -5.01 9.71
N ILE A 33 -1.61 -5.71 9.86
CA ILE A 33 -1.64 -7.15 10.02
C ILE A 33 -2.73 -7.70 9.12
N ARG A 34 -2.70 -9.01 8.88
CA ARG A 34 -3.78 -9.68 8.16
C ARG A 34 -5.02 -9.70 9.04
N ALA A 35 -6.16 -9.27 8.49
CA ALA A 35 -7.39 -9.41 9.27
C ALA A 35 -7.96 -10.82 9.13
N ASN A 36 -8.31 -11.21 7.91
CA ASN A 36 -8.68 -12.58 7.60
C ASN A 36 -7.93 -13.00 6.35
N ASP A 37 -8.63 -13.49 5.33
CA ASP A 37 -7.98 -13.81 4.07
C ASP A 37 -8.06 -12.67 3.06
N GLN A 38 -9.05 -11.80 3.18
CA GLN A 38 -9.28 -10.75 2.19
C GLN A 38 -8.61 -9.44 2.57
N TYR A 39 -8.65 -9.07 3.85
CA TYR A 39 -8.41 -7.70 4.24
C TYR A 39 -7.18 -7.58 5.14
N LEU A 40 -6.83 -6.33 5.39
CA LEU A 40 -5.80 -5.94 6.34
C LEU A 40 -6.44 -5.11 7.42
N THR A 41 -5.88 -5.15 8.62
CA THR A 41 -6.25 -4.20 9.65
C THR A 41 -4.95 -3.71 10.29
N ALA A 42 -5.07 -2.93 11.37
CA ALA A 42 -3.92 -2.42 12.08
C ALA A 42 -4.12 -2.64 13.57
N ALA A 43 -3.01 -2.90 14.26
CA ALA A 43 -3.08 -3.20 15.69
C ALA A 43 -1.73 -2.89 16.32
N ALA A 44 -1.79 -2.44 17.57
CA ALA A 44 -0.58 -2.24 18.35
C ALA A 44 0.01 -3.60 18.70
N LEU A 45 1.25 -3.84 18.31
CA LEU A 45 1.87 -5.14 18.47
C LEU A 45 3.07 -5.02 19.38
N HIS A 46 3.21 -5.99 20.30
CA HIS A 46 4.48 -6.16 20.97
C HIS A 46 5.45 -6.94 20.09
N ASN A 47 4.99 -8.04 19.51
CA ASN A 47 5.84 -8.90 18.68
C ASN A 47 5.56 -8.60 17.20
N LEU A 48 6.51 -7.92 16.55
CA LEU A 48 6.34 -7.52 15.16
C LEU A 48 6.32 -8.68 14.18
N ASP A 49 6.50 -9.92 14.61
CA ASP A 49 6.38 -11.04 13.68
C ASP A 49 4.94 -11.25 13.22
N GLU A 50 3.96 -10.73 13.96
CA GLU A 50 2.59 -10.75 13.50
C GLU A 50 2.30 -9.69 12.45
N ALA A 51 3.18 -8.72 12.28
CA ALA A 51 2.97 -7.66 11.31
C ALA A 51 3.18 -8.19 9.89
N VAL A 52 2.33 -7.75 8.96
CA VAL A 52 2.56 -8.07 7.56
C VAL A 52 3.89 -7.49 7.11
N LYS A 53 4.65 -8.27 6.33
CA LYS A 53 5.84 -7.79 5.64
C LYS A 53 5.51 -7.53 4.19
N PHE A 54 5.95 -6.37 3.68
CA PHE A 54 5.62 -5.92 2.33
C PHE A 54 6.87 -5.87 1.46
N ASP A 55 6.69 -6.12 0.15
CA ASP A 55 7.61 -5.67 -0.89
C ASP A 55 6.98 -4.51 -1.67
N MET A 56 7.83 -3.63 -2.19
CA MET A 56 7.42 -2.45 -2.95
C MET A 56 8.06 -2.47 -4.33
N GLY A 57 7.24 -2.51 -5.37
CA GLY A 57 7.72 -2.50 -6.75
C GLY A 57 7.46 -1.14 -7.36
N ALA A 58 8.50 -0.58 -8.00
CA ALA A 58 8.39 0.72 -8.62
C ALA A 58 7.94 0.59 -10.07
N TYR A 59 7.10 1.53 -10.51
CA TYR A 59 6.64 1.64 -11.88
C TYR A 59 7.02 3.01 -12.44
N LYS A 60 7.38 3.04 -13.71
CA LYS A 60 7.45 4.31 -14.42
C LYS A 60 6.10 4.59 -15.04
N SER A 61 5.81 5.87 -15.23
CA SER A 61 4.64 6.34 -15.95
C SER A 61 5.06 6.71 -17.37
N SER A 62 4.06 6.75 -18.28
CA SER A 62 4.33 7.24 -19.63
C SER A 62 4.32 8.76 -19.72
N LYS A 63 4.00 9.44 -18.63
CA LYS A 63 4.02 10.89 -18.57
C LYS A 63 4.83 11.30 -17.34
N ASP A 64 5.13 12.59 -17.25
CA ASP A 64 5.97 13.13 -16.18
C ASP A 64 5.16 13.30 -14.88
N ASP A 65 4.78 12.16 -14.29
CA ASP A 65 4.13 12.13 -12.98
C ASP A 65 4.96 12.90 -11.94
N ALA A 66 4.28 13.49 -10.95
CA ALA A 66 5.01 14.21 -9.90
C ALA A 66 5.63 13.27 -8.87
N LYS A 67 4.95 12.19 -8.51
CA LYS A 67 5.42 11.30 -7.47
C LYS A 67 5.59 9.87 -7.99
N ILE A 68 6.57 9.16 -7.44
CA ILE A 68 6.86 7.82 -7.91
C ILE A 68 5.67 6.93 -7.61
N THR A 69 5.45 5.93 -8.48
CA THR A 69 4.33 5.01 -8.37
C THR A 69 4.85 3.65 -7.96
N VAL A 70 4.16 3.02 -7.01
CA VAL A 70 4.59 1.72 -6.51
C VAL A 70 3.41 0.77 -6.44
N ILE A 71 3.73 -0.51 -6.46
CA ILE A 71 2.82 -1.60 -6.13
C ILE A 71 3.28 -2.20 -4.81
N LEU A 72 2.33 -2.65 -4.00
CA LEU A 72 2.63 -3.23 -2.70
C LEU A 72 2.21 -4.69 -2.70
N ARG A 73 3.15 -5.56 -2.36
CA ARG A 73 2.92 -6.99 -2.30
C ARG A 73 3.22 -7.48 -0.89
N ILE A 74 2.43 -8.44 -0.42
CA ILE A 74 2.79 -9.12 0.83
C ILE A 74 3.96 -10.04 0.53
N SER A 75 5.05 -9.86 1.28
CA SER A 75 6.30 -10.57 0.98
C SER A 75 6.09 -12.06 0.95
N LYS A 76 6.81 -12.72 0.04
CA LYS A 76 6.77 -14.18 -0.11
C LYS A 76 5.38 -14.70 -0.44
N THR A 77 4.55 -13.87 -1.07
CA THR A 77 3.25 -14.33 -1.56
C THR A 77 3.04 -13.77 -2.96
N GLN A 78 1.84 -13.98 -3.48
CA GLN A 78 1.41 -13.43 -4.75
C GLN A 78 0.24 -12.47 -4.55
N LEU A 79 0.16 -11.89 -3.36
CA LEU A 79 -0.97 -11.05 -2.96
C LEU A 79 -0.57 -9.59 -3.07
N TYR A 80 -1.32 -8.84 -3.87
CA TYR A 80 -1.07 -7.42 -4.08
C TYR A 80 -2.20 -6.58 -3.48
N VAL A 81 -1.83 -5.44 -2.89
CA VAL A 81 -2.81 -4.53 -2.31
C VAL A 81 -3.54 -3.80 -3.43
N THR A 82 -4.87 -3.75 -3.34
CA THR A 82 -5.72 -3.18 -4.38
C THR A 82 -6.71 -2.21 -3.77
N ALA A 83 -6.81 -1.01 -4.33
CA ALA A 83 -7.77 -0.04 -3.84
C ALA A 83 -9.16 -0.35 -4.36
N GLN A 84 -10.16 0.01 -3.56
CA GLN A 84 -11.56 0.06 -3.99
C GLN A 84 -11.97 1.53 -4.06
N ASP A 85 -13.10 1.93 -3.49
CA ASP A 85 -13.52 3.33 -3.48
C ASP A 85 -13.40 3.88 -2.06
N GLU A 86 -13.88 5.11 -1.87
CA GLU A 86 -13.70 5.79 -0.59
C GLU A 86 -14.34 5.00 0.55
N ASP A 87 -13.63 4.97 1.68
CA ASP A 87 -14.05 4.28 2.90
C ASP A 87 -14.36 2.80 2.68
N GLN A 88 -13.78 2.19 1.65
CA GLN A 88 -13.89 0.74 1.51
C GLN A 88 -12.54 0.07 1.75
N PRO A 89 -12.53 -1.17 2.23
CA PRO A 89 -11.25 -1.81 2.57
C PRO A 89 -10.42 -2.10 1.33
N VAL A 90 -9.10 -1.97 1.48
CA VAL A 90 -8.24 -2.46 0.41
C VAL A 90 -8.38 -3.97 0.32
N LEU A 91 -8.25 -4.49 -0.89
CA LEU A 91 -8.37 -5.90 -1.21
C LEU A 91 -7.00 -6.47 -1.51
N LEU A 92 -6.81 -7.73 -1.15
CA LEU A 92 -5.61 -8.46 -1.53
C LEU A 92 -5.93 -9.25 -2.80
N LYS A 93 -5.24 -8.93 -3.88
CA LYS A 93 -5.50 -9.49 -5.19
C LYS A 93 -4.40 -10.47 -5.54
N GLU A 94 -4.78 -11.68 -5.91
CA GLU A 94 -3.83 -12.76 -6.18
C GLU A 94 -3.43 -12.74 -7.65
N MET A 95 -2.12 -12.78 -7.90
CA MET A 95 -1.63 -12.67 -9.27
C MET A 95 -0.41 -13.56 -9.49
N PRO A 96 -0.38 -14.32 -10.59
CA PRO A 96 0.73 -15.26 -10.80
C PRO A 96 2.08 -14.60 -10.84
N GLU A 97 2.18 -13.41 -11.43
CA GLU A 97 3.41 -12.66 -11.47
C GLU A 97 3.10 -11.19 -11.25
N ILE A 98 4.14 -10.40 -11.04
CA ILE A 98 3.93 -8.96 -10.86
C ILE A 98 3.55 -8.35 -12.21
N PRO A 99 2.53 -7.49 -12.27
CA PRO A 99 2.09 -6.97 -13.57
C PRO A 99 3.18 -6.12 -14.21
N LYS A 100 3.52 -6.46 -15.45
CA LYS A 100 4.55 -5.73 -16.18
C LYS A 100 4.03 -4.42 -16.75
N THR A 101 2.77 -4.40 -17.12
CA THR A 101 2.14 -3.25 -17.74
C THR A 101 0.80 -3.01 -17.08
N ILE A 102 0.51 -1.77 -16.73
CA ILE A 102 -0.73 -1.42 -16.06
C ILE A 102 -1.32 -0.18 -16.71
N THR A 103 -2.60 -0.24 -17.03
CA THR A 103 -3.32 0.90 -17.58
C THR A 103 -4.79 0.72 -17.26
N GLY A 104 -5.56 1.80 -17.45
CA GLY A 104 -7.00 1.69 -17.30
C GLY A 104 -7.39 1.38 -15.86
N SER A 105 -8.43 0.53 -15.71
CA SER A 105 -8.96 0.20 -14.40
C SER A 105 -7.92 -0.47 -13.50
N GLU A 106 -6.88 -1.07 -14.07
CA GLU A 106 -5.88 -1.72 -13.25
C GLU A 106 -5.00 -0.77 -12.48
N THR A 107 -5.17 0.55 -12.64
CA THR A 107 -4.38 1.45 -11.80
C THR A 107 -4.80 1.41 -10.33
N ASN A 108 -5.87 0.70 -9.99
CA ASN A 108 -6.19 0.55 -8.57
C ASN A 108 -5.16 -0.31 -7.84
N LEU A 109 -4.27 -0.99 -8.58
CA LEU A 109 -3.14 -1.68 -7.97
C LEU A 109 -1.99 -0.76 -7.60
N LEU A 110 -2.03 0.51 -8.00
CA LEU A 110 -0.84 1.35 -7.90
C LEU A 110 -1.06 2.53 -6.98
N PHE A 111 0.02 2.96 -6.31
CA PHE A 111 -0.03 4.05 -5.37
C PHE A 111 1.11 5.02 -5.61
N PHE A 112 0.79 6.31 -5.58
CA PHE A 112 1.84 7.30 -5.44
C PHE A 112 2.39 7.25 -4.02
N TRP A 113 3.69 7.12 -3.90
CA TRP A 113 4.36 7.03 -2.60
C TRP A 113 5.09 8.34 -2.37
N GLU A 114 4.61 9.11 -1.39
CA GLU A 114 5.21 10.39 -1.01
C GLU A 114 5.73 10.28 0.42
N THR A 115 6.82 11.00 0.71
CA THR A 115 7.35 11.17 2.06
C THR A 115 7.29 12.63 2.49
N HIS A 116 6.90 12.87 3.74
CA HIS A 116 7.06 14.16 4.42
C HIS A 116 7.92 13.90 5.66
N GLY A 117 9.23 13.90 5.48
CA GLY A 117 10.12 13.57 6.59
C GLY A 117 10.19 12.06 6.78
N THR A 118 9.83 11.60 7.98
CA THR A 118 9.70 10.18 8.26
C THR A 118 8.30 9.66 7.94
N LYS A 119 7.38 10.53 7.55
CA LYS A 119 6.00 10.15 7.28
C LYS A 119 5.86 9.69 5.83
N ASN A 120 5.23 8.52 5.64
CA ASN A 120 4.98 7.97 4.31
C ASN A 120 3.48 7.93 4.04
N TYR A 121 3.08 8.42 2.86
CA TYR A 121 1.69 8.42 2.42
C TYR A 121 1.58 7.68 1.09
N PHE A 122 0.51 6.91 0.93
CA PHE A 122 0.26 6.13 -0.27
C PHE A 122 -1.10 6.54 -0.83
N THR A 123 -1.11 7.25 -1.95
CA THR A 123 -2.35 7.71 -2.55
C THR A 123 -2.65 6.87 -3.78
N SER A 124 -3.92 6.51 -3.91
CA SER A 124 -4.35 5.66 -4.99
C SER A 124 -4.13 6.37 -6.32
N VAL A 125 -3.50 5.68 -7.28
CA VAL A 125 -3.42 6.26 -8.62
C VAL A 125 -4.82 6.38 -9.21
N ALA A 126 -5.71 5.45 -8.90
CA ALA A 126 -7.09 5.50 -9.39
C ALA A 126 -7.90 6.59 -8.69
N HIS A 127 -7.56 6.93 -7.44
CA HIS A 127 -8.24 7.99 -6.67
C HIS A 127 -7.21 8.84 -5.95
N PRO A 128 -6.61 9.83 -6.63
CA PRO A 128 -5.40 10.49 -6.09
C PRO A 128 -5.62 11.33 -4.84
N ASN A 129 -6.85 11.57 -4.40
CA ASN A 129 -7.05 12.27 -3.15
C ASN A 129 -7.45 11.32 -2.02
N LEU A 130 -7.29 10.02 -2.23
CA LEU A 130 -7.58 9.01 -1.23
C LEU A 130 -6.30 8.27 -0.86
N PHE A 131 -6.15 8.00 0.43
CA PHE A 131 -4.95 7.42 1.02
C PHE A 131 -5.23 6.03 1.56
N ILE A 132 -4.22 5.17 1.52
CA ILE A 132 -4.24 4.00 2.38
C ILE A 132 -4.33 4.50 3.81
N ALA A 133 -5.30 3.99 4.56
CA ALA A 133 -5.61 4.57 5.85
C ALA A 133 -6.04 3.47 6.82
N THR A 134 -5.67 3.64 8.08
CA THR A 134 -6.17 2.79 9.16
C THR A 134 -7.24 3.56 9.93
N LYS A 135 -8.26 2.85 10.37
CA LYS A 135 -9.30 3.46 11.19
C LYS A 135 -9.60 2.49 12.33
N GLN A 136 -9.71 3.03 13.55
CA GLN A 136 -9.89 2.18 14.72
C GLN A 136 -11.07 1.25 14.54
N ASP A 137 -10.87 -0.02 14.89
CA ASP A 137 -11.92 -1.05 14.80
C ASP A 137 -12.48 -1.13 13.37
N TYR A 138 -11.58 -1.30 12.41
CA TYR A 138 -11.99 -1.46 11.01
C TYR A 138 -10.77 -1.85 10.19
N TRP A 139 -11.03 -2.29 8.97
CA TRP A 139 -9.96 -2.70 8.06
C TRP A 139 -9.23 -1.50 7.50
N VAL A 140 -8.03 -1.75 6.98
CA VAL A 140 -7.31 -0.74 6.22
C VAL A 140 -8.15 -0.37 5.02
N CYS A 141 -8.42 0.93 4.87
CA CYS A 141 -9.34 1.47 3.86
C CYS A 141 -8.63 2.53 3.05
N LEU A 142 -9.33 2.99 2.02
CA LEU A 142 -9.03 4.26 1.37
C LEU A 142 -9.84 5.35 2.06
N ALA A 143 -9.16 6.41 2.47
CA ALA A 143 -9.78 7.51 3.19
C ALA A 143 -9.14 8.83 2.78
N GLY A 144 -9.94 9.89 2.87
CA GLY A 144 -9.46 11.23 2.53
C GLY A 144 -8.55 11.84 3.57
N GLY A 145 -8.62 11.40 4.81
CA GLY A 145 -7.79 11.97 5.85
C GLY A 145 -8.38 11.76 7.22
N PRO A 146 -8.13 12.70 8.14
CA PRO A 146 -8.63 12.52 9.50
C PRO A 146 -10.13 12.34 9.50
N PRO A 147 -10.68 11.57 10.46
CA PRO A 147 -10.03 10.93 11.61
C PRO A 147 -9.15 9.72 11.25
N SER A 148 -9.24 9.21 10.03
CA SER A 148 -8.38 8.10 9.63
C SER A 148 -6.92 8.53 9.69
N ILE A 149 -6.04 7.58 9.94
CA ILE A 149 -4.60 7.83 10.01
C ILE A 149 -3.99 7.44 8.68
N THR A 150 -3.35 8.41 8.01
CA THR A 150 -2.84 8.20 6.66
C THR A 150 -1.32 8.23 6.58
N ASP A 151 -0.62 8.58 7.64
CA ASP A 151 0.84 8.67 7.58
C ASP A 151 1.46 7.45 8.25
N PHE A 152 2.29 6.75 7.50
CA PHE A 152 2.91 5.53 7.97
C PHE A 152 4.40 5.74 8.16
N GLN A 153 4.95 4.95 9.07
CA GLN A 153 6.37 4.76 9.21
C GLN A 153 6.72 3.46 8.49
N ILE A 154 7.86 3.45 7.79
CA ILE A 154 8.33 2.25 7.09
C ILE A 154 9.46 1.64 7.91
N LEU A 155 9.26 0.42 8.39
CA LEU A 155 10.26 -0.34 9.17
C LEU A 155 10.99 -1.29 8.23
N GLU A 156 12.25 -1.01 7.94
CA GLU A 156 12.93 -1.80 6.91
C GLU A 156 13.64 -3.03 7.50
N ASN A 157 13.86 -4.01 6.63
CA ASN A 157 14.64 -5.21 6.94
C ASN A 157 14.02 -5.96 8.11
N GLN A 158 12.76 -6.36 7.91
CA GLN A 158 11.95 -7.02 8.94
C GLN A 158 11.63 -8.46 8.58
N ALA A 159 12.44 -9.09 7.74
CA ALA A 159 12.14 -10.42 7.23
C ALA A 159 12.11 -11.47 8.35
C2 85Y B 3 20.16 2.37 -21.50
C20 85Y B 3 22.69 -0.89 -22.49
C24 85Y B 3 26.18 -1.38 -22.51
C30 85Y B 3 29.79 -1.95 -22.31
C33 85Y B 3 29.44 0.08 -20.34
C4 85Y B 3 22.33 1.60 -21.79
C5 85Y B 3 21.81 0.28 -22.18
C23 85Y B 3 24.87 -1.76 -23.18
C25 85Y B 3 27.42 -1.93 -22.81
C26 85Y B 3 28.52 -1.46 -22.09
O4 85Y B 3 23.54 1.85 -21.77
N3 85Y B 3 21.48 2.60 -21.49
O2 85Y B 3 19.37 3.30 -21.21
C6 85Y B 3 20.44 0.10 -22.17
N1 85Y B 3 19.65 1.12 -21.85
C1' 85Y B 3 18.19 0.98 -21.85
O4' 85Y B 3 17.70 0.28 -20.70
C2' 85Y B 3 17.66 0.23 -23.07
C3' 85Y B 3 16.32 -0.24 -22.55
O3' 85Y B 3 15.31 0.77 -22.65
C4' 85Y B 3 16.60 -0.54 -21.10
C5' 85Y B 3 17.10 -1.97 -21.06
O5' 85Y B 3 16.62 -2.56 -19.88
P 85Y B 3 16.20 -4.10 -19.85
OP2 85Y B 3 17.38 -4.87 -20.40
O21 85Y B 3 22.00 -1.93 -23.20
N22 85Y B 3 24.02 -0.55 -23.02
C27 85Y B 3 28.37 -0.40 -21.06
C28 85Y B 3 27.11 0.11 -20.81
C29 85Y B 3 26.05 -0.39 -21.54
C31 85Y B 3 30.84 -1.43 -21.56
C32 85Y B 3 30.69 -0.44 -20.60
OP1 85Y B 3 14.82 -4.23 -20.44
C2 85Y B 7 8.53 9.70 -17.20
C20 85Y B 7 8.24 10.66 -13.07
C24 85Y B 7 8.91 9.93 -9.93
C30 85Y B 7 11.95 7.81 -9.81
C33 85Y B 7 12.40 9.50 -7.58
C4 85Y B 7 7.84 9.03 -15.08
C5 85Y B 7 8.39 10.29 -14.51
C23 85Y B 7 7.67 10.09 -10.79
C25 85Y B 7 9.84 8.95 -10.27
C26 85Y B 7 11.00 8.78 -9.50
O4 85Y B 7 7.30 8.17 -14.36
N3 85Y B 7 7.96 8.81 -16.40
O2 85Y B 7 8.60 9.44 -18.41
C6 85Y B 7 8.98 11.18 -15.39
N1 85Y B 7 9.08 10.89 -16.69
C1' 85Y B 7 9.67 11.91 -17.57
O4' 85Y B 7 8.62 12.37 -18.42
C2' 85Y B 7 10.83 11.53 -18.50
C3' 85Y B 7 10.61 12.46 -19.67
O3' 85Y B 7 11.25 13.73 -19.45
C4' 85Y B 7 9.11 12.69 -19.72
C5' 85Y B 7 8.40 11.80 -20.73
O5' 85Y B 7 8.65 12.45 -21.97
P 85Y B 7 8.79 11.66 -23.35
OP2 85Y B 7 9.17 12.74 -24.33
O21 85Y B 7 9.20 11.60 -12.63
N22 85Y B 7 8.00 9.54 -12.14
C27 85Y B 7 11.23 9.67 -8.34
C28 85Y B 7 10.28 10.65 -8.05
C29 85Y B 7 9.13 10.78 -8.84
C31 85Y B 7 13.11 7.68 -9.02
C32 85Y B 7 13.33 8.51 -7.92
OP1 85Y B 7 7.52 10.87 -23.51
C2 85Y B 8 17.99 10.50 -18.92
C20 85Y B 8 14.28 8.66 -19.74
C24 85Y B 8 12.57 6.18 -18.27
C30 85Y B 8 10.93 7.48 -15.20
C33 85Y B 8 11.76 4.91 -14.33
C4 85Y B 8 16.87 8.59 -19.57
C5 85Y B 8 15.59 9.31 -19.40
C23 85Y B 8 12.88 6.67 -19.67
C25 85Y B 8 11.89 7.03 -17.39
C26 85Y B 8 11.62 6.65 -16.09
O4 85Y B 8 16.88 7.39 -19.91
N3 85Y B 8 18.02 9.23 -19.31
O2 85Y B 8 19.05 11.11 -18.68
C6 85Y B 8 15.60 10.62 -19.00
N1 85Y B 8 16.78 11.20 -18.76
C1' 85Y B 8 16.85 12.59 -18.30
O4' 85Y B 8 15.77 12.85 -17.40
C2' 85Y B 8 16.75 13.62 -19.42
C3' 85Y B 8 16.25 14.82 -18.64
O3' 85Y B 8 17.36 15.51 -18.05
C4' 85Y B 8 15.39 14.22 -17.53
C5' 85Y B 8 13.91 14.30 -17.91
O5' 85Y B 8 13.75 13.76 -19.21
P 85Y B 8 12.54 14.32 -20.11
OP2 85Y B 8 12.53 13.62 -21.43
O21 85Y B 8 13.19 9.38 -19.21
N22 85Y B 8 14.24 7.21 -19.54
C27 85Y B 8 12.05 5.30 -15.64
C28 85Y B 8 12.73 4.47 -16.54
C29 85Y B 8 12.99 4.91 -17.85
C31 85Y B 8 10.67 7.04 -13.91
C32 85Y B 8 11.07 5.76 -13.47
OP1 85Y B 8 12.41 15.80 -19.88
C2 85Y B 10 12.06 12.25 -10.55
C20 85Y B 10 14.39 8.98 -11.87
C24 85Y B 10 14.69 5.88 -13.04
C30 85Y B 10 13.15 4.16 -10.13
C33 85Y B 10 14.25 1.96 -11.55
C4 85Y B 10 12.25 10.49 -12.06
C5 85Y B 10 13.57 10.15 -11.46
C23 85Y B 10 14.86 7.28 -13.60
C25 85Y B 10 14.00 5.66 -11.85
C26 85Y B 10 13.83 4.38 -11.33
O4 85Y B 10 11.80 9.84 -13.00
N3 85Y B 10 11.57 11.54 -11.59
O2 85Y B 10 11.39 13.22 -10.11
C6 85Y B 10 14.02 10.90 -10.37
N1 85Y B 10 13.30 11.94 -9.94
C1' 85Y B 10 13.71 12.78 -8.81
O4' 85Y B 10 13.91 14.14 -9.18
C2' 85Y B 10 14.98 12.36 -8.12
C3' 85Y B 10 15.36 13.63 -7.37
O3' 85Y B 10 14.83 13.59 -6.04
C4' 85Y B 10 14.69 14.76 -8.15
C5' 85Y B 10 15.73 15.66 -8.81
O5' 85Y B 10 16.56 14.86 -9.66
P 85Y B 10 17.66 15.54 -10.65
OP2 85Y B 10 18.55 14.44 -11.11
O21 85Y B 10 15.79 9.23 -11.86
N22 85Y B 10 13.91 8.31 -13.08
C27 85Y B 10 14.41 3.24 -12.07
C28 85Y B 10 15.11 3.48 -13.25
C29 85Y B 10 15.22 4.79 -13.74
C31 85Y B 10 13.01 2.86 -9.64
C32 85Y B 10 13.56 1.78 -10.34
OP1 85Y B 10 18.21 16.75 -9.95
C2 85Y B 14 17.86 6.35 -12.37
C20 85Y B 14 17.15 3.56 -9.30
C24 85Y B 14 15.16 3.51 -6.22
C30 85Y B 14 12.82 6.23 -5.41
C33 85Y B 14 13.54 5.32 -2.80
C4 85Y B 14 16.91 5.94 -10.27
C5 85Y B 14 17.38 4.54 -10.39
C23 85Y B 14 15.77 2.85 -7.44
C25 85Y B 14 14.26 4.56 -6.39
C26 85Y B 14 13.70 5.17 -5.27
O4 85Y B 14 16.24 6.34 -9.28
N3 85Y B 14 17.18 6.76 -11.30
O2 85Y B 14 18.12 7.12 -13.33
C6 85Y B 14 18.09 4.15 -11.52
N1 85Y B 14 18.33 5.03 -12.48
C1' 85Y B 14 19.05 4.63 -13.70
O4' 85Y B 14 18.94 3.22 -13.82
C2' 85Y B 14 20.54 4.98 -13.64
C3' 85Y B 14 21.27 3.65 -13.61
O3' 85Y B 14 22.46 3.66 -14.43
C4' 85Y B 14 20.23 2.65 -14.12
C5' 85Y B 14 20.41 1.30 -13.46
O5' 85Y B 14 20.43 1.49 -12.04
P 85Y B 14 21.71 1.07 -11.16
OP2 85Y B 14 22.69 0.41 -12.08
O21 85Y B 14 17.07 2.22 -9.79
N22 85Y B 14 16.05 3.91 -8.43
C27 85Y B 14 14.09 4.71 -3.91
C28 85Y B 14 14.97 3.66 -3.78
C29 85Y B 14 15.50 3.07 -4.93
C31 85Y B 14 12.29 6.81 -4.25
C32 85Y B 14 12.64 6.37 -2.98
OP1 85Y B 14 21.21 0.39 -9.91
C2 85Y B 15 18.73 8.93 -16.04
C20 85Y B 15 18.03 5.09 -17.53
C24 85Y B 15 16.14 2.12 -17.38
C30 85Y B 15 16.51 0.23 -14.28
C33 85Y B 15 14.53 -1.32 -15.66
C4 85Y B 15 17.16 7.33 -16.57
C5 85Y B 15 18.26 6.42 -16.97
C23 85Y B 15 16.62 3.33 -18.16
C25 85Y B 15 16.64 1.78 -16.11
C26 85Y B 15 16.10 0.63 -15.52
O4 85Y B 15 15.98 6.94 -16.64
N3 85Y B 15 17.45 8.54 -16.11
O2 85Y B 15 19.04 10.06 -15.63
C6 85Y B 15 19.57 6.86 -16.90
N1 85Y B 15 19.80 8.08 -16.43
C1' 85Y B 15 21.17 8.55 -16.36
O4' 85Y B 15 21.98 7.61 -17.05
C2' 85Y B 15 21.79 8.75 -15.00
C3' 85Y B 15 23.26 8.64 -15.38
O3' 85Y B 15 23.75 9.92 -15.82
C4' 85Y B 15 23.32 7.69 -16.58
C5' 85Y B 15 23.76 6.29 -16.21
O5' 85Y B 15 23.22 6.00 -14.93
P 85Y B 15 23.61 4.66 -14.09
OP2 85Y B 15 23.66 5.12 -12.67
O21 85Y B 15 19.07 4.22 -17.13
N22 85Y B 15 16.69 4.53 -17.33
C27 85Y B 15 15.08 -0.18 -16.23
C28 85Y B 15 14.65 0.21 -17.46
C29 85Y B 15 15.19 1.35 -18.02
C31 85Y B 15 15.95 -0.93 -13.73
C32 85Y B 15 14.99 -1.69 -14.41
OP1 85Y B 15 24.81 4.04 -14.76
C2 85Y B 20 29.34 -4.28 -19.94
C20 85Y B 20 25.14 -4.33 -20.72
C24 85Y B 20 22.39 -2.22 -19.53
C30 85Y B 20 23.56 1.11 -18.49
C33 85Y B 20 20.77 1.40 -18.23
C4 85Y B 20 27.23 -3.42 -19.43
C5 85Y B 20 26.61 -4.33 -20.44
C23 85Y B 20 22.97 -3.53 -20.00
C25 85Y B 20 23.26 -1.18 -19.23
C26 85Y B 20 22.75 0.04 -18.79
O4 85Y B 20 26.54 -2.61 -18.74
N3 85Y B 20 28.56 -3.45 -19.24
O2 85Y B 20 30.57 -4.28 -19.76
C6 85Y B 20 27.47 -5.16 -21.14
N1 85Y B 20 28.79 -5.16 -20.90
C1' 85Y B 20 29.71 -6.06 -21.64
O4' 85Y B 20 29.87 -5.64 -23.00
C2' 85Y B 20 29.15 -7.48 -21.66
C3' 85Y B 20 29.13 -7.88 -23.13
O3' 85Y B 20 29.79 -9.13 -23.37
C4' 85Y B 20 29.91 -6.79 -23.83
C5' 85Y B 20 29.31 -6.49 -25.20
O5' 85Y B 20 29.80 -5.20 -25.54
P 85Y B 20 30.35 -4.95 -27.03
OP2 85Y B 20 29.66 -5.97 -27.91
O21 85Y B 20 24.56 -5.64 -20.78
N22 85Y B 20 24.42 -3.51 -19.73
C27 85Y B 20 21.28 0.19 -18.65
C28 85Y B 20 20.45 -0.88 -18.97
C29 85Y B 20 21.00 -2.08 -19.40
C31 85Y B 20 23.01 2.31 -18.04
C32 85Y B 20 21.62 2.45 -17.92
OP1 85Y B 20 31.85 -4.80 -26.93
MG MG C . 5.17 3.85 -18.73
NA NA D . 8.22 13.93 -12.57
MG MG E . -1.12 6.73 3.28
MG MG F . -8.36 -4.16 4.06
MG MG G . -4.81 2.49 -6.17
P PO4 H . 23.11 -17.38 -18.72
O2 PO4 H . 21.72 -16.84 -19.00
O3 PO4 H . 23.08 -18.89 -18.76
O4 PO4 H . 23.58 -16.90 -17.36
#